data_3DCT
#
_entry.id   3DCT
#
_cell.length_a   159.449
_cell.length_b   159.449
_cell.length_c   159.449
_cell.angle_alpha   90.000
_cell.angle_beta   90.000
_cell.angle_gamma   90.000
#
_symmetry.space_group_name_H-M   'F 2 3'
#
loop_
_entity.id
_entity.type
_entity.pdbx_description
1 polymer 'Bile acid receptor'
2 polymer 'Nuclear receptor coactivator 1'
3 non-polymer '3-[(E)-2-(2-chloro-4-{[3-(2,6-dichlorophenyl)-5-(1-methylethyl)isoxazol-4-yl]methoxy}phenyl)ethenyl]benzoic acid'
4 water water
#
loop_
_entity_poly.entity_id
_entity_poly.type
_entity_poly.pdbx_seq_one_letter_code
_entity_poly.pdbx_strand_id
1 'polypeptide(L)'
;SCREKTELTPDQQTLLHFIMDSYNKQRMPQEITNKILKEEFSAEENFLILTEMATNHVQVLVEFTKKLPGFQTLDHEDQI
ALLKGSAVEAMFLRSAEIFNKKLPSGHSDLLEERIRNSGISDEYITPMFSFYKSIGELKMTQEEYALLTAIVILSPDRQY
IKDREAVEKLQEPLLDVLQKLCKIHQPENPQHFACLLGRLTELRTFNHHHAEMLMSWRVNDHKFTPLLCEIWDVQ
;
A
2 'polypeptide(L)' KESKDHQLLRYLLDKDEKDLR B
#
loop_
_chem_comp.id
_chem_comp.type
_chem_comp.name
_chem_comp.formula
064 non-polymer '3-[(E)-2-(2-chloro-4-{[3-(2,6-dichlorophenyl)-5-(1-methylethyl)isoxazol-4-yl]methoxy}phenyl)ethenyl]benzoic acid' 'C28 H22 Cl3 N O4'
#
# COMPACT_ATOMS: atom_id res chain seq x y z
N GLU A 7 23.88 -1.22 -15.69
CA GLU A 7 23.28 -2.27 -16.59
C GLU A 7 22.51 -3.32 -15.80
N LEU A 8 21.24 -3.50 -16.17
CA LEU A 8 20.38 -4.47 -15.48
C LEU A 8 20.62 -5.87 -16.06
N THR A 9 20.69 -6.85 -15.18
CA THR A 9 20.95 -8.23 -15.60
C THR A 9 19.69 -8.89 -16.20
N PRO A 10 19.85 -10.07 -16.84
CA PRO A 10 18.71 -10.78 -17.44
C PRO A 10 17.88 -11.47 -16.36
N ASP A 11 18.57 -11.94 -15.34
CA ASP A 11 17.88 -12.62 -14.25
C ASP A 11 17.12 -11.61 -13.39
N GLN A 12 17.48 -10.34 -13.55
CA GLN A 12 16.84 -9.28 -12.78
C GLN A 12 15.77 -8.57 -13.60
N GLN A 13 16.02 -8.40 -14.89
CA GLN A 13 15.07 -7.75 -15.78
C GLN A 13 13.78 -8.55 -15.91
N THR A 14 13.85 -9.82 -15.54
CA THR A 14 12.68 -10.70 -15.60
C THR A 14 11.82 -10.54 -14.36
N LEU A 15 12.47 -10.31 -13.22
CA LEU A 15 11.84 -10.08 -11.93
C LEU A 15 11.03 -8.79 -12.05
N LEU A 16 11.73 -7.72 -12.39
CA LEU A 16 11.10 -6.43 -12.57
C LEU A 16 9.92 -6.53 -13.55
N HIS A 17 10.06 -7.36 -14.58
CA HIS A 17 8.98 -7.48 -15.54
C HIS A 17 7.79 -8.21 -14.96
N PHE A 18 8.04 -9.32 -14.26
CA PHE A 18 6.97 -10.10 -13.64
C PHE A 18 6.22 -9.22 -12.63
N ILE A 19 6.98 -8.49 -11.82
CA ILE A 19 6.41 -7.60 -10.81
C ILE A 19 5.68 -6.42 -11.43
N MET A 20 6.26 -5.81 -12.44
CA MET A 20 5.64 -4.68 -13.12
C MET A 20 4.38 -5.17 -13.82
N ASP A 21 4.38 -6.45 -14.17
CA ASP A 21 3.24 -7.04 -14.84
C ASP A 21 2.07 -7.15 -13.85
N SER A 22 2.30 -7.77 -12.69
CA SER A 22 1.26 -7.92 -11.66
C SER A 22 0.73 -6.60 -11.12
N TYR A 23 1.61 -5.62 -11.03
CA TYR A 23 1.25 -4.31 -10.53
C TYR A 23 0.24 -3.64 -11.45
N ASN A 24 0.31 -3.96 -12.74
CA ASN A 24 -0.59 -3.38 -13.71
C ASN A 24 -1.73 -4.29 -14.11
N LYS A 25 -1.76 -5.48 -13.53
CA LYS A 25 -2.80 -6.44 -13.85
C LYS A 25 -4.19 -5.89 -13.52
N GLN A 26 -4.45 -5.71 -12.23
CA GLN A 26 -5.74 -5.20 -11.77
C GLN A 26 -5.66 -3.70 -11.40
N ARG A 27 -6.79 -3.01 -11.56
CA ARG A 27 -6.92 -1.59 -11.22
C ARG A 27 -8.16 -1.53 -10.32
N MET A 28 -8.53 -0.35 -9.82
CA MET A 28 -9.73 -0.30 -8.99
C MET A 28 -10.93 -0.04 -9.92
N PRO A 29 -12.07 -0.73 -9.68
CA PRO A 29 -13.32 -0.65 -10.47
C PRO A 29 -13.82 0.77 -10.69
N GLN A 30 -14.26 1.05 -11.92
CA GLN A 30 -14.78 2.37 -12.26
C GLN A 30 -16.06 2.61 -11.45
N GLU A 31 -16.78 1.54 -11.13
CA GLU A 31 -18.00 1.66 -10.34
C GLU A 31 -17.69 2.34 -9.01
N ILE A 32 -16.55 2.00 -8.43
CA ILE A 32 -16.09 2.57 -7.17
C ILE A 32 -15.48 3.95 -7.33
N THR A 33 -14.50 4.09 -8.23
CA THR A 33 -13.83 5.36 -8.45
C THR A 33 -14.71 6.48 -8.99
N ASN A 34 -15.81 6.15 -9.66
CA ASN A 34 -16.70 7.18 -10.19
C ASN A 34 -17.45 7.90 -9.07
N LYS A 35 -17.55 7.24 -7.91
CA LYS A 35 -18.25 7.80 -6.78
C LYS A 35 -17.53 8.99 -6.16
N ILE A 36 -16.20 9.01 -6.27
CA ILE A 36 -15.40 10.10 -5.72
C ILE A 36 -15.90 11.41 -6.32
N LEU A 37 -16.39 11.30 -7.55
CA LEU A 37 -16.91 12.42 -8.33
C LEU A 37 -18.41 12.62 -8.21
N LYS A 38 -19.17 11.58 -8.58
CA LYS A 38 -20.62 11.62 -8.58
C LYS A 38 -21.32 11.79 -7.22
N GLU A 39 -20.97 11.00 -6.20
CA GLU A 39 -21.67 11.07 -4.91
C GLU A 39 -21.70 12.40 -4.16
N GLU A 40 -22.58 12.49 -3.17
CA GLU A 40 -22.73 13.69 -2.35
C GLU A 40 -21.49 13.80 -1.47
N PHE A 41 -21.11 15.02 -1.11
CA PHE A 41 -19.94 15.18 -0.26
C PHE A 41 -20.38 15.33 1.19
N SER A 42 -20.53 14.20 1.87
CA SER A 42 -20.95 14.16 3.26
C SER A 42 -19.94 13.36 4.09
N ALA A 43 -19.79 13.71 5.36
CA ALA A 43 -18.88 12.96 6.23
C ALA A 43 -19.21 11.46 6.19
N GLU A 44 -20.49 11.15 6.02
CA GLU A 44 -20.96 9.77 5.96
C GLU A 44 -20.58 9.18 4.62
N GLU A 45 -21.09 9.76 3.53
CA GLU A 45 -20.79 9.28 2.19
C GLU A 45 -19.28 9.20 1.92
N ASN A 46 -18.56 10.17 2.47
CA ASN A 46 -17.12 10.22 2.30
C ASN A 46 -16.47 9.01 2.92
N PHE A 47 -16.79 8.77 4.20
CA PHE A 47 -16.24 7.63 4.89
C PHE A 47 -16.57 6.31 4.20
N LEU A 48 -17.81 6.17 3.73
CA LEU A 48 -18.22 4.95 3.07
C LEU A 48 -17.48 4.73 1.75
N ILE A 49 -17.20 5.79 1.00
CA ILE A 49 -16.48 5.61 -0.25
C ILE A 49 -15.03 5.19 0.05
N LEU A 50 -14.45 5.82 1.05
CA LEU A 50 -13.08 5.52 1.46
C LEU A 50 -13.02 4.07 1.96
N THR A 51 -14.08 3.62 2.62
CA THR A 51 -14.12 2.24 3.10
C THR A 51 -14.17 1.29 1.92
N GLU A 52 -15.07 1.56 0.99
CA GLU A 52 -15.23 0.73 -0.20
C GLU A 52 -13.95 0.58 -1.00
N MET A 53 -13.21 1.66 -1.12
CA MET A 53 -11.97 1.64 -1.85
C MET A 53 -10.92 0.82 -1.12
N ALA A 54 -10.86 0.97 0.20
CA ALA A 54 -9.89 0.21 0.96
C ALA A 54 -10.17 -1.29 0.95
N THR A 55 -11.43 -1.68 1.06
CA THR A 55 -11.78 -3.10 1.04
C THR A 55 -11.40 -3.67 -0.28
N ASN A 56 -11.73 -2.94 -1.33
CA ASN A 56 -11.42 -3.38 -2.66
C ASN A 56 -9.92 -3.54 -2.84
N HIS A 57 -9.16 -2.56 -2.35
CA HIS A 57 -7.73 -2.61 -2.49
C HIS A 57 -7.08 -3.74 -1.70
N VAL A 58 -7.71 -4.13 -0.60
CA VAL A 58 -7.17 -5.23 0.19
C VAL A 58 -7.17 -6.43 -0.74
N GLN A 59 -8.20 -6.48 -1.58
CA GLN A 59 -8.33 -7.57 -2.54
C GLN A 59 -7.21 -7.55 -3.57
N VAL A 60 -6.98 -6.41 -4.20
CA VAL A 60 -5.92 -6.32 -5.19
C VAL A 60 -4.57 -6.60 -4.54
N LEU A 61 -4.41 -6.19 -3.29
CA LEU A 61 -3.15 -6.42 -2.55
C LEU A 61 -2.81 -7.88 -2.37
N VAL A 62 -3.80 -8.71 -2.07
CA VAL A 62 -3.58 -10.14 -1.88
C VAL A 62 -3.20 -10.74 -3.21
N GLU A 63 -3.98 -10.42 -4.23
CA GLU A 63 -3.71 -10.92 -5.58
C GLU A 63 -2.29 -10.54 -6.02
N PHE A 64 -1.91 -9.30 -5.77
CA PHE A 64 -0.58 -8.84 -6.15
C PHE A 64 0.49 -9.55 -5.34
N THR A 65 0.34 -9.56 -4.02
CA THR A 65 1.30 -10.21 -3.13
C THR A 65 1.47 -11.67 -3.46
N LYS A 66 0.37 -12.39 -3.61
CA LYS A 66 0.45 -13.80 -3.93
C LYS A 66 1.38 -14.02 -5.14
N LYS A 67 1.31 -13.14 -6.14
CA LYS A 67 2.15 -13.25 -7.34
C LYS A 67 3.59 -12.82 -7.10
N LEU A 68 3.89 -12.33 -5.90
CA LEU A 68 5.26 -11.92 -5.59
C LEU A 68 6.11 -13.21 -5.53
N PRO A 69 7.27 -13.21 -6.22
CA PRO A 69 8.22 -14.32 -6.29
C PRO A 69 8.65 -14.93 -4.95
N GLY A 70 8.18 -16.15 -4.69
CA GLY A 70 8.54 -16.84 -3.45
C GLY A 70 7.62 -16.68 -2.28
N PHE A 71 6.58 -15.86 -2.43
CA PHE A 71 5.63 -15.61 -1.35
C PHE A 71 4.91 -16.90 -0.98
N GLN A 72 4.33 -17.55 -1.97
CA GLN A 72 3.63 -18.81 -1.74
C GLN A 72 4.68 -19.88 -1.58
N THR A 73 5.31 -19.91 -0.42
CA THR A 73 6.36 -20.87 -0.10
C THR A 73 6.69 -20.62 1.36
N LEU A 74 6.36 -19.40 1.81
CA LEU A 74 6.59 -18.99 3.19
C LEU A 74 5.54 -19.60 4.10
N ASP A 75 5.85 -19.69 5.38
CA ASP A 75 4.90 -20.24 6.33
C ASP A 75 3.59 -19.48 6.13
N HIS A 76 2.48 -20.20 6.07
CA HIS A 76 1.19 -19.56 5.84
C HIS A 76 0.76 -18.60 6.93
N GLU A 77 1.31 -18.75 8.13
CA GLU A 77 0.99 -17.85 9.24
C GLU A 77 1.81 -16.57 9.09
N ASP A 78 2.91 -16.67 8.34
CA ASP A 78 3.81 -15.56 8.07
C ASP A 78 3.21 -14.72 6.93
N GLN A 79 2.49 -15.38 6.03
CA GLN A 79 1.86 -14.68 4.93
C GLN A 79 0.77 -13.75 5.49
N ILE A 80 -0.01 -14.22 6.47
CA ILE A 80 -1.03 -13.37 7.05
C ILE A 80 -0.38 -12.18 7.75
N ALA A 81 0.71 -12.42 8.48
CA ALA A 81 1.40 -11.36 9.21
C ALA A 81 1.93 -10.28 8.25
N LEU A 82 2.37 -10.70 7.07
CA LEU A 82 2.92 -9.76 6.08
C LEU A 82 1.80 -8.92 5.43
N LEU A 83 0.66 -9.57 5.20
CA LEU A 83 -0.52 -8.95 4.59
C LEU A 83 -1.15 -8.00 5.61
N LYS A 84 -1.22 -8.46 6.84
CA LYS A 84 -1.79 -7.68 7.93
C LYS A 84 -0.91 -6.50 8.30
N GLY A 85 0.40 -6.68 8.14
CA GLY A 85 1.33 -5.61 8.47
C GLY A 85 1.61 -4.59 7.40
N SER A 86 1.31 -4.89 6.14
CA SER A 86 1.61 -3.92 5.11
C SER A 86 0.42 -3.23 4.48
N ALA A 87 -0.78 -3.75 4.72
CA ALA A 87 -2.00 -3.18 4.14
C ALA A 87 -2.09 -1.67 4.22
N VAL A 88 -1.88 -1.09 5.40
CA VAL A 88 -1.97 0.36 5.53
C VAL A 88 -0.88 1.05 4.75
N GLU A 89 0.34 0.54 4.83
CA GLU A 89 1.46 1.15 4.10
C GLU A 89 1.29 1.04 2.59
N ALA A 90 0.86 -0.14 2.13
CA ALA A 90 0.63 -0.35 0.70
C ALA A 90 -0.44 0.63 0.22
N MET A 91 -1.41 0.92 1.09
CA MET A 91 -2.49 1.84 0.79
C MET A 91 -2.06 3.30 0.74
N PHE A 92 -1.03 3.66 1.52
CA PHE A 92 -0.52 5.02 1.51
C PHE A 92 0.26 5.24 0.23
N LEU A 93 0.97 4.21 -0.20
CA LEU A 93 1.75 4.26 -1.42
C LEU A 93 0.85 4.37 -2.63
N ARG A 94 -0.21 3.58 -2.66
CA ARG A 94 -1.14 3.63 -3.79
C ARG A 94 -1.89 4.96 -3.88
N SER A 95 -2.33 5.49 -2.74
CA SER A 95 -3.02 6.79 -2.71
C SER A 95 -2.02 7.91 -3.08
N ALA A 96 -0.81 7.88 -2.50
CA ALA A 96 0.22 8.88 -2.82
C ALA A 96 0.46 8.83 -4.31
N GLU A 97 0.50 7.63 -4.90
CA GLU A 97 0.72 7.52 -6.33
C GLU A 97 -0.41 8.23 -7.07
N ILE A 98 -1.63 8.01 -6.59
CA ILE A 98 -2.81 8.62 -7.18
C ILE A 98 -2.78 10.15 -7.20
N PHE A 99 -2.50 10.74 -6.04
CA PHE A 99 -2.41 12.19 -5.93
C PHE A 99 -1.24 12.72 -6.71
N ASN A 100 -0.12 12.03 -6.58
CA ASN A 100 1.12 12.41 -7.25
C ASN A 100 1.06 12.40 -8.76
N LYS A 101 0.47 11.38 -9.36
CA LYS A 101 0.38 11.31 -10.81
C LYS A 101 -0.93 11.91 -11.34
N LYS A 102 -1.63 12.65 -10.48
CA LYS A 102 -2.92 13.27 -10.83
C LYS A 102 -3.71 12.33 -11.73
N LEU A 103 -3.75 11.05 -11.35
CA LEU A 103 -4.46 10.02 -12.08
C LEU A 103 -5.92 10.42 -12.22
N PRO A 104 -6.43 10.36 -13.46
CA PRO A 104 -7.81 10.71 -13.87
C PRO A 104 -8.90 10.01 -13.05
N SER A 105 -8.79 8.68 -12.96
CA SER A 105 -9.73 7.86 -12.22
C SER A 105 -9.51 8.03 -10.71
N GLY A 106 -8.66 8.98 -10.34
CA GLY A 106 -8.38 9.24 -8.95
C GLY A 106 -9.07 10.48 -8.42
N HIS A 107 -9.48 11.37 -9.34
CA HIS A 107 -10.16 12.65 -8.98
C HIS A 107 -9.53 13.27 -7.73
N SER A 108 -8.21 13.37 -7.75
CA SER A 108 -7.40 13.89 -6.67
C SER A 108 -8.04 14.95 -5.80
N ASP A 109 -8.38 16.09 -6.38
CA ASP A 109 -8.97 17.16 -5.59
C ASP A 109 -10.20 16.75 -4.81
N LEU A 110 -11.09 16.00 -5.45
CA LEU A 110 -12.31 15.55 -4.80
C LEU A 110 -12.03 14.43 -3.82
N LEU A 111 -11.06 13.58 -4.18
CA LEU A 111 -10.67 12.49 -3.31
C LEU A 111 -10.12 13.10 -2.03
N GLU A 112 -9.27 14.12 -2.19
CA GLU A 112 -8.69 14.78 -1.03
C GLU A 112 -9.79 15.41 -0.19
N GLU A 113 -10.84 15.88 -0.85
CA GLU A 113 -11.98 16.48 -0.16
C GLU A 113 -12.58 15.44 0.77
N ARG A 114 -12.90 14.28 0.19
CA ARG A 114 -13.49 13.18 0.91
C ARG A 114 -12.65 12.69 2.09
N ILE A 115 -11.33 12.72 1.94
CA ILE A 115 -10.44 12.30 3.01
C ILE A 115 -10.34 13.39 4.08
N ARG A 116 -10.38 14.65 3.63
CA ARG A 116 -10.31 15.80 4.52
C ARG A 116 -11.54 15.88 5.42
N ASN A 117 -12.62 15.22 5.04
CA ASN A 117 -13.86 15.24 5.80
C ASN A 117 -14.44 13.83 5.87
N SER A 118 -13.88 12.97 6.72
CA SER A 118 -14.39 11.62 6.84
C SER A 118 -14.35 11.16 8.30
N GLY A 119 -14.01 12.09 9.17
CA GLY A 119 -13.94 11.79 10.58
C GLY A 119 -12.52 11.54 11.04
N ILE A 120 -11.55 11.91 10.20
CA ILE A 120 -10.13 11.73 10.53
C ILE A 120 -9.60 12.93 11.32
N SER A 121 -8.95 12.64 12.44
CA SER A 121 -8.38 13.68 13.31
C SER A 121 -7.33 14.49 12.54
N ASP A 122 -7.30 15.79 12.81
CA ASP A 122 -6.36 16.68 12.16
C ASP A 122 -4.92 16.28 12.44
N GLU A 123 -4.70 15.72 13.62
CA GLU A 123 -3.38 15.27 14.03
C GLU A 123 -2.84 14.24 13.02
N TYR A 124 -3.76 13.61 12.30
CA TYR A 124 -3.43 12.56 11.34
C TYR A 124 -3.44 13.00 9.87
N ILE A 125 -4.35 13.90 9.54
CA ILE A 125 -4.49 14.43 8.18
C ILE A 125 -3.25 15.22 7.75
N THR A 126 -2.76 16.05 8.66
CA THR A 126 -1.59 16.87 8.39
C THR A 126 -0.40 16.03 7.91
N PRO A 127 0.04 15.06 8.73
CA PRO A 127 1.16 14.16 8.43
C PRO A 127 0.90 13.38 7.13
N MET A 128 -0.36 13.02 6.94
CA MET A 128 -0.78 12.26 5.78
C MET A 128 -0.51 13.03 4.50
N PHE A 129 -0.95 14.28 4.47
CA PHE A 129 -0.75 15.08 3.26
C PHE A 129 0.64 15.60 3.07
N SER A 130 1.34 15.80 4.19
CA SER A 130 2.71 16.25 4.13
C SER A 130 3.49 15.10 3.47
N PHE A 131 3.11 13.87 3.80
CA PHE A 131 3.77 12.70 3.23
C PHE A 131 3.47 12.68 1.75
N TYR A 132 2.21 12.93 1.40
CA TYR A 132 1.79 12.93 -0.01
C TYR A 132 2.59 13.92 -0.81
N LYS A 133 2.80 15.10 -0.21
CA LYS A 133 3.56 16.16 -0.87
C LYS A 133 5.03 15.82 -1.11
N SER A 134 5.75 15.53 -0.03
CA SER A 134 7.16 15.21 -0.12
C SER A 134 7.45 14.06 -1.07
N ILE A 135 6.64 13.02 -1.03
CA ILE A 135 6.89 11.90 -1.91
C ILE A 135 6.57 12.25 -3.37
N GLY A 136 5.59 13.13 -3.57
CA GLY A 136 5.24 13.52 -4.92
C GLY A 136 6.42 14.21 -5.55
N GLU A 137 7.10 14.97 -4.72
CA GLU A 137 8.27 15.73 -5.14
C GLU A 137 9.45 14.81 -5.42
N LEU A 138 9.24 13.50 -5.50
CA LEU A 138 10.34 12.61 -5.79
C LEU A 138 10.30 12.20 -7.23
N LYS A 139 9.17 12.50 -7.88
CA LYS A 139 8.98 12.15 -9.28
C LYS A 139 9.31 10.68 -9.44
N MET A 140 8.55 9.84 -8.75
CA MET A 140 8.76 8.41 -8.78
C MET A 140 8.18 7.83 -10.05
N THR A 141 8.84 6.81 -10.58
CA THR A 141 8.37 6.14 -11.78
C THR A 141 7.49 4.97 -11.34
N GLN A 142 6.55 4.56 -12.18
CA GLN A 142 5.66 3.48 -11.82
C GLN A 142 6.39 2.28 -11.22
N GLU A 143 7.63 2.10 -11.70
CA GLU A 143 8.49 1.01 -11.28
C GLU A 143 9.00 1.21 -9.86
N GLU A 144 9.19 2.45 -9.45
CA GLU A 144 9.66 2.72 -8.11
C GLU A 144 8.48 2.51 -7.16
N TYR A 145 7.29 2.90 -7.59
CA TYR A 145 6.12 2.69 -6.75
C TYR A 145 5.93 1.18 -6.60
N ALA A 146 5.93 0.46 -7.72
CA ALA A 146 5.74 -0.98 -7.68
C ALA A 146 6.78 -1.74 -6.86
N LEU A 147 8.02 -1.26 -6.85
CA LEU A 147 9.07 -1.95 -6.09
C LEU A 147 9.02 -1.59 -4.62
N LEU A 148 8.66 -0.35 -4.32
CA LEU A 148 8.57 0.07 -2.93
C LEU A 148 7.40 -0.67 -2.28
N THR A 149 6.35 -0.95 -3.07
CA THR A 149 5.18 -1.68 -2.57
C THR A 149 5.56 -3.11 -2.26
N ALA A 150 6.15 -3.78 -3.23
CA ALA A 150 6.57 -5.16 -3.02
C ALA A 150 7.53 -5.24 -1.82
N ILE A 151 8.45 -4.27 -1.74
CA ILE A 151 9.41 -4.20 -0.65
C ILE A 151 8.71 -3.97 0.68
N VAL A 152 7.69 -3.13 0.67
CA VAL A 152 6.93 -2.85 1.88
C VAL A 152 6.22 -4.14 2.28
N ILE A 153 5.64 -4.82 1.30
CA ILE A 153 4.91 -6.06 1.57
C ILE A 153 5.79 -7.15 2.16
N LEU A 154 7.00 -7.27 1.64
CA LEU A 154 7.96 -8.27 2.12
C LEU A 154 8.92 -7.71 3.15
N SER A 155 8.38 -7.09 4.21
CA SER A 155 9.20 -6.53 5.29
C SER A 155 9.33 -7.64 6.32
N PRO A 156 10.56 -8.14 6.52
CA PRO A 156 10.91 -9.21 7.47
C PRO A 156 10.72 -8.83 8.94
N ASP A 157 10.75 -7.53 9.21
CA ASP A 157 10.66 -7.01 10.56
C ASP A 157 9.27 -6.65 11.08
N ARG A 158 8.24 -7.29 10.53
CA ARG A 158 6.87 -7.06 10.96
C ARG A 158 6.65 -7.83 12.26
N GLN A 159 5.69 -7.42 13.08
CA GLN A 159 5.43 -8.14 14.32
C GLN A 159 4.82 -9.51 13.99
N TYR A 160 5.09 -10.50 14.86
CA TYR A 160 4.57 -11.87 14.72
C TYR A 160 5.11 -12.73 13.59
N ILE A 161 6.26 -12.33 13.02
CA ILE A 161 6.87 -13.11 11.95
C ILE A 161 7.69 -14.21 12.62
N LYS A 162 7.52 -15.44 12.16
CA LYS A 162 8.27 -16.58 12.71
C LYS A 162 9.64 -16.64 12.06
N ASP A 163 9.66 -16.86 10.75
CA ASP A 163 10.89 -16.96 9.94
C ASP A 163 11.17 -15.62 9.23
N ARG A 164 11.77 -14.71 9.97
CA ARG A 164 12.10 -13.40 9.45
C ARG A 164 13.22 -13.47 8.41
N GLU A 165 14.00 -14.56 8.44
CA GLU A 165 15.13 -14.73 7.51
C GLU A 165 14.64 -15.11 6.10
N ALA A 166 13.52 -15.84 6.04
CA ALA A 166 12.94 -16.26 4.76
C ALA A 166 12.33 -15.08 4.02
N VAL A 167 11.95 -14.04 4.76
CA VAL A 167 11.38 -12.86 4.16
C VAL A 167 12.48 -12.01 3.55
N GLU A 168 13.56 -11.82 4.30
CA GLU A 168 14.70 -11.04 3.86
C GLU A 168 15.22 -11.60 2.54
N LYS A 169 15.17 -12.92 2.42
CA LYS A 169 15.62 -13.61 1.22
C LYS A 169 14.75 -13.24 0.02
N LEU A 170 13.50 -12.89 0.30
CA LEU A 170 12.55 -12.51 -0.74
C LEU A 170 12.64 -11.02 -1.02
N GLN A 171 12.99 -10.25 0.00
CA GLN A 171 13.07 -8.81 -0.18
C GLN A 171 14.37 -8.26 -0.78
N GLU A 172 15.51 -8.82 -0.39
CA GLU A 172 16.81 -8.35 -0.86
C GLU A 172 16.93 -8.26 -2.38
N PRO A 173 16.39 -9.25 -3.10
CA PRO A 173 16.44 -9.22 -4.56
C PRO A 173 15.73 -8.02 -5.16
N LEU A 174 14.64 -7.61 -4.51
CA LEU A 174 13.84 -6.45 -4.96
C LEU A 174 14.53 -5.13 -4.65
N LEU A 175 15.14 -5.04 -3.48
CA LEU A 175 15.85 -3.83 -3.08
C LEU A 175 16.96 -3.55 -4.09
N ASP A 176 17.72 -4.61 -4.43
CA ASP A 176 18.83 -4.52 -5.38
C ASP A 176 18.41 -4.04 -6.76
N VAL A 177 17.27 -4.53 -7.24
CA VAL A 177 16.78 -4.12 -8.55
C VAL A 177 16.44 -2.63 -8.48
N LEU A 178 15.87 -2.21 -7.36
CA LEU A 178 15.51 -0.80 -7.17
C LEU A 178 16.76 0.06 -7.16
N GLN A 179 17.80 -0.41 -6.47
CA GLN A 179 19.05 0.33 -6.39
C GLN A 179 19.75 0.38 -7.74
N LYS A 180 19.74 -0.76 -8.44
CA LYS A 180 20.37 -0.86 -9.76
C LYS A 180 19.76 0.19 -10.70
N LEU A 181 18.47 0.46 -10.51
CA LEU A 181 17.74 1.43 -11.34
C LEU A 181 18.09 2.87 -10.97
N CYS A 182 18.27 3.10 -9.68
CA CYS A 182 18.61 4.43 -9.19
C CYS A 182 20.01 4.80 -9.64
N LYS A 183 20.83 3.81 -9.97
CA LYS A 183 22.19 4.08 -10.41
C LYS A 183 22.17 4.39 -11.89
N ILE A 184 21.19 3.82 -12.57
CA ILE A 184 21.04 4.02 -14.00
C ILE A 184 20.30 5.29 -14.36
N HIS A 185 19.06 5.41 -13.91
CA HIS A 185 18.25 6.57 -14.24
C HIS A 185 18.43 7.81 -13.39
N GLN A 186 19.40 7.77 -12.48
CA GLN A 186 19.67 8.89 -11.59
C GLN A 186 21.15 8.98 -11.22
N PRO A 187 22.04 8.70 -12.17
CA PRO A 187 23.48 8.75 -11.86
C PRO A 187 23.94 10.07 -11.26
N GLU A 188 23.26 11.17 -11.59
CA GLU A 188 23.63 12.47 -11.04
C GLU A 188 23.40 12.48 -9.53
N ASN A 189 22.20 12.09 -9.12
CA ASN A 189 21.83 12.06 -7.70
C ASN A 189 21.94 10.66 -7.07
N PRO A 190 23.08 10.39 -6.39
CA PRO A 190 23.40 9.13 -5.73
C PRO A 190 22.59 8.85 -4.46
N GLN A 191 22.04 9.91 -3.87
CA GLN A 191 21.23 9.79 -2.66
C GLN A 191 19.77 9.40 -2.91
N HIS A 192 19.39 9.26 -4.18
CA HIS A 192 18.00 8.92 -4.58
C HIS A 192 17.53 7.59 -4.01
N PHE A 193 18.39 6.58 -4.03
CA PHE A 193 18.03 5.27 -3.52
C PHE A 193 17.71 5.43 -2.04
N ALA A 194 18.65 5.98 -1.27
CA ALA A 194 18.48 6.16 0.17
C ALA A 194 17.26 7.00 0.49
N CYS A 195 16.89 7.84 -0.46
CA CYS A 195 15.71 8.70 -0.32
C CYS A 195 14.40 7.90 -0.46
N LEU A 196 14.42 6.92 -1.35
CA LEU A 196 13.26 6.06 -1.55
C LEU A 196 13.05 5.17 -0.33
N LEU A 197 14.12 4.63 0.23
CA LEU A 197 14.05 3.76 1.41
C LEU A 197 13.58 4.49 2.67
N GLY A 198 13.78 5.81 2.69
CA GLY A 198 13.37 6.59 3.83
C GLY A 198 11.86 6.58 3.97
N ARG A 199 11.18 6.37 2.85
CA ARG A 199 9.72 6.32 2.83
C ARG A 199 9.22 5.12 3.63
N LEU A 200 10.00 4.03 3.63
CA LEU A 200 9.65 2.82 4.36
C LEU A 200 9.58 3.08 5.87
N THR A 201 10.33 4.07 6.33
CA THR A 201 10.34 4.43 7.74
C THR A 201 9.16 5.38 7.99
N GLU A 202 8.97 6.37 7.11
CA GLU A 202 7.86 7.31 7.25
C GLU A 202 6.55 6.52 7.23
N LEU A 203 6.45 5.57 6.31
CA LEU A 203 5.25 4.74 6.21
C LEU A 203 4.99 4.04 7.53
N ARG A 204 6.03 3.48 8.13
CA ARG A 204 5.89 2.80 9.41
C ARG A 204 5.17 3.67 10.40
N THR A 205 5.58 4.94 10.43
CA THR A 205 5.03 5.91 11.35
C THR A 205 3.50 6.04 11.37
N PHE A 206 2.87 5.81 10.22
CA PHE A 206 1.41 5.91 10.10
C PHE A 206 0.60 4.77 10.71
N ASN A 207 1.23 3.63 10.95
CA ASN A 207 0.53 2.50 11.53
C ASN A 207 -0.02 2.84 12.92
N HIS A 208 0.75 3.56 13.74
CA HIS A 208 0.29 3.94 15.08
C HIS A 208 -0.92 4.85 14.95
N HIS A 209 -0.80 5.85 14.09
CA HIS A 209 -1.88 6.80 13.84
C HIS A 209 -3.15 6.10 13.33
N HIS A 210 -3.00 5.16 12.38
CA HIS A 210 -4.14 4.44 11.80
C HIS A 210 -4.94 3.61 12.80
N ALA A 211 -4.26 2.90 13.70
CA ALA A 211 -4.90 2.08 14.72
C ALA A 211 -5.69 2.98 15.66
N GLU A 212 -5.21 4.20 15.86
CA GLU A 212 -5.91 5.15 16.70
C GLU A 212 -7.24 5.45 16.01
N MET A 213 -7.15 5.84 14.75
CA MET A 213 -8.31 6.15 13.94
C MET A 213 -9.33 5.03 13.91
N LEU A 214 -8.84 3.80 13.80
CA LEU A 214 -9.73 2.65 13.77
C LEU A 214 -10.57 2.57 15.03
N MET A 215 -9.94 2.85 16.17
CA MET A 215 -10.61 2.80 17.45
C MET A 215 -11.54 3.99 17.60
N SER A 216 -11.12 5.14 17.07
CA SER A 216 -11.94 6.34 17.13
C SER A 216 -13.23 6.11 16.35
N TRP A 217 -13.08 5.67 15.11
CA TRP A 217 -14.22 5.41 14.25
C TRP A 217 -15.10 4.32 14.84
N ARG A 218 -14.48 3.34 15.47
CA ARG A 218 -15.22 2.23 16.06
C ARG A 218 -16.20 2.58 17.17
N VAL A 219 -15.75 3.39 18.13
CA VAL A 219 -16.59 3.78 19.24
C VAL A 219 -17.71 4.67 18.73
N ASN A 220 -17.49 5.27 17.55
CA ASN A 220 -18.49 6.15 16.96
C ASN A 220 -19.38 5.33 16.06
N ASP A 221 -19.37 4.03 16.30
CA ASP A 221 -20.19 3.10 15.55
C ASP A 221 -20.04 3.25 14.06
N HIS A 222 -18.80 3.32 13.60
CA HIS A 222 -18.55 3.45 12.20
C HIS A 222 -18.51 2.09 11.56
N LYS A 223 -19.06 2.00 10.35
CA LYS A 223 -19.12 0.74 9.64
C LYS A 223 -17.91 0.40 8.79
N PHE A 224 -17.35 -0.79 9.04
CA PHE A 224 -16.21 -1.26 8.28
C PHE A 224 -16.67 -2.48 7.53
N THR A 225 -15.72 -3.34 7.13
CA THR A 225 -16.13 -4.57 6.42
C THR A 225 -15.43 -5.77 7.04
N PRO A 226 -16.03 -6.98 6.86
CA PRO A 226 -15.41 -8.19 7.42
C PRO A 226 -13.96 -8.37 6.98
N LEU A 227 -13.66 -7.89 5.77
CA LEU A 227 -12.32 -7.99 5.22
C LEU A 227 -11.37 -7.03 5.92
N LEU A 228 -11.82 -5.79 6.13
CA LEU A 228 -10.99 -4.78 6.79
C LEU A 228 -10.84 -5.06 8.26
N CYS A 229 -11.90 -5.58 8.89
CA CYS A 229 -11.87 -5.88 10.31
C CYS A 229 -10.89 -7.00 10.62
N GLU A 230 -10.79 -7.94 9.68
CA GLU A 230 -9.88 -9.07 9.82
C GLU A 230 -8.42 -8.64 9.65
N ILE A 231 -8.17 -7.91 8.58
CA ILE A 231 -6.82 -7.42 8.27
C ILE A 231 -6.30 -6.46 9.34
N TRP A 232 -7.20 -5.73 9.99
CA TRP A 232 -6.81 -4.77 11.00
C TRP A 232 -7.26 -5.10 12.40
N ASP A 233 -7.41 -6.38 12.68
CA ASP A 233 -7.79 -6.84 14.01
C ASP A 233 -8.69 -5.85 14.72
N VAL A 234 -9.97 -5.89 14.37
CA VAL A 234 -10.93 -5.01 15.00
C VAL A 234 -12.14 -5.83 15.36
N GLN A 235 -12.30 -6.10 16.65
CA GLN A 235 -13.46 -6.86 17.16
C GLN A 235 -14.74 -6.54 16.37
N ASP B 5 -9.45 -18.72 12.59
CA ASP B 5 -8.83 -17.36 12.48
C ASP B 5 -8.50 -17.00 11.02
N HIS B 6 -8.71 -15.73 10.68
CA HIS B 6 -8.44 -15.21 9.33
C HIS B 6 -9.05 -15.96 8.16
N GLN B 7 -10.35 -16.22 8.23
CA GLN B 7 -11.09 -16.93 7.19
C GLN B 7 -10.95 -16.30 5.81
N LEU B 8 -11.26 -15.00 5.75
CA LEU B 8 -11.23 -14.21 4.52
C LEU B 8 -9.87 -14.05 3.85
N LEU B 9 -8.81 -13.79 4.62
CA LEU B 9 -7.50 -13.69 4.00
C LEU B 9 -7.08 -15.07 3.50
N ARG B 10 -7.30 -16.08 4.35
CA ARG B 10 -6.95 -17.46 4.00
C ARG B 10 -7.68 -17.89 2.73
N TYR B 11 -8.95 -17.51 2.60
CA TYR B 11 -9.74 -17.83 1.42
C TYR B 11 -9.27 -17.14 0.15
N LEU B 12 -8.83 -15.89 0.28
CA LEU B 12 -8.36 -15.14 -0.87
C LEU B 12 -7.03 -15.68 -1.34
N LEU B 13 -6.26 -16.21 -0.40
CA LEU B 13 -4.95 -16.78 -0.72
C LEU B 13 -5.03 -18.14 -1.41
N ASP B 14 -6.17 -18.84 -1.28
CA ASP B 14 -6.35 -20.16 -1.92
C ASP B 14 -7.09 -20.05 -3.25
N LYS B 15 -7.89 -19.01 -3.42
CA LYS B 15 -8.61 -18.80 -4.67
C LYS B 15 -7.55 -18.67 -5.77
C1 064 C . -7.74 5.07 5.18
N4 064 C . -8.14 5.00 6.51
C5 064 C . -9.86 4.43 5.34
C6 064 C . -9.03 4.55 2.88
C7 064 C . -6.28 6.81 4.25
C8 064 C . -5.36 4.51 4.69
C10 064 C . -11.32 4.01 5.06
C16 064 C . -11.59 2.52 5.47
C17 064 C . -12.28 4.93 5.82
C18 064 C . -7.79 3.80 0.87
C19 064 C . -3.94 6.30 3.73
C20 064 C . -7.02 2.86 0.13
C21 064 C . -8.33 4.98 0.20
C22 064 C . -6.81 3.04 -1.24
C23 064 C . -8.12 5.17 -1.20
C24 064 C . -7.32 4.19 -1.92
C26 064 C . -7.02 4.24 -3.40
C27 064 C . -7.88 4.60 -4.30
C28 064 C . -7.75 4.52 -5.79
C29 064 C . -7.12 3.38 -6.27
C30 064 C . -8.31 5.51 -6.69
C32 064 C . -8.14 5.28 -8.10
C2 064 C . -8.85 4.68 4.41
C3 064 C . -6.49 5.44 4.71
O9 064 C . -9.37 4.63 6.62
O11 064 C . -8.07 3.63 2.24
C12 064 C . -5.02 7.22 3.76
CL13 064 C . -7.57 8.04 4.22
C14 064 C . -4.12 4.94 4.18
CL15 064 C . -5.45 2.82 5.20
CL25 064 C . -5.84 1.86 -2.06
C31 064 C . -6.95 3.15 -7.64
C33 064 C . -7.46 4.11 -8.57
C34 064 C . -6.26 1.89 -8.13
O35 064 C . -6.12 1.68 -9.47
O36 064 C . -5.84 1.03 -7.33
#